data_4E2V
#
_entry.id   4E2V
#
_cell.length_a   90.363
_cell.length_b   64.894
_cell.length_c   70.375
_cell.angle_alpha   90.00
_cell.angle_beta   95.82
_cell.angle_gamma   90.00
#
_symmetry.space_group_name_H-M   'C 1 2 1'
#
loop_
_entity.id
_entity.type
_entity.pdbx_description
1 polymer 'Queuine tRNA-ribosyltransferase'
2 non-polymer 7-DEAZA-7-AMINOMETHYL-GUANINE
3 non-polymer GLYCEROL
4 non-polymer 'ZINC ION'
5 water water
#
_entity_poly.entity_id   1
_entity_poly.type   'polypeptide(L)'
_entity_poly.pdbx_seq_one_letter_code
;MVEATAQETDRPRFSFSIAAREGKARTGTIEMKRGVIRTPAFMPVGTAATVKALKPETVRATGADIILGNTYHLMLRPGA
ERIAKLGGLHSFMGWDRPILTDSGGFQVMSLSSLTKQSEEGVTFKSHLDGSRHMLSPERSIEIQHLLGSDIVMAFDEVTP
YPATPSRAASSMERSMRWAKRSRDAFDSRKEQAENAALFGIQQGSVFENLRQQSADALAEIGFDGYAVGGLAVGEGQDEM
FRVLDFSVPMLPDDKPHYLMGVGKPDDIVGAVERGIDMFDCVLPTRSGRNGQAFTWDGPINIRNARFSEDLKPLDSECHC
AVCQKWSRAYIHHLIRAGEILGAMLMTEHNIAFYQQLMQKIRDSISEGRFSQFAQDFRARYFARNS
;
_entity_poly.pdbx_strand_id   A
#
loop_
_chem_comp.id
_chem_comp.type
_chem_comp.name
_chem_comp.formula
GOL non-polymer GLYCEROL 'C3 H8 O3'
PRF non-polymer 7-DEAZA-7-AMINOMETHYL-GUANINE 'C7 H9 N5 O'
ZN non-polymer 'ZINC ION' 'Zn 2'
#
# COMPACT_ATOMS: atom_id res chain seq x y z
N ARG A 11 -21.94 5.50 -8.19
CA ARG A 11 -20.69 4.89 -8.64
C ARG A 11 -20.84 3.39 -8.93
N PRO A 12 -20.05 2.89 -9.87
CA PRO A 12 -19.96 1.47 -10.20
C PRO A 12 -19.21 0.69 -9.12
N ARG A 13 -19.34 -0.64 -9.15
CA ARG A 13 -18.49 -1.51 -8.36
C ARG A 13 -17.01 -1.16 -8.54
N PHE A 14 -16.60 -0.99 -9.80
CA PHE A 14 -15.20 -0.71 -10.08
C PHE A 14 -15.03 -0.14 -11.48
N SER A 15 -14.36 1.01 -11.57
CA SER A 15 -13.97 1.55 -12.87
CA SER A 15 -13.99 1.59 -12.87
C SER A 15 -12.69 2.37 -12.75
N PHE A 16 -11.69 1.95 -13.50
CA PHE A 16 -10.39 2.65 -13.52
C PHE A 16 -10.28 3.42 -14.82
N SER A 17 -10.06 4.73 -14.70
CA SER A 17 -9.90 5.55 -15.88
CA SER A 17 -9.91 5.57 -15.87
CA SER A 17 -9.93 5.60 -15.86
C SER A 17 -8.59 6.31 -15.79
N ILE A 18 -7.86 6.29 -16.89
CA ILE A 18 -6.57 6.99 -16.97
C ILE A 18 -6.79 8.33 -17.66
N ALA A 19 -6.51 9.41 -16.94
CA ALA A 19 -6.75 10.78 -17.43
C ALA A 19 -5.55 11.35 -18.17
N ALA A 20 -4.35 10.92 -17.80
CA ALA A 20 -3.14 11.48 -18.41
C ALA A 20 -1.97 10.53 -18.23
N ARG A 21 -1.03 10.62 -19.16
CA ARG A 21 0.15 9.78 -19.12
CA ARG A 21 0.15 9.76 -19.18
C ARG A 21 1.40 10.59 -19.47
N GLU A 22 2.54 10.11 -19.00
CA GLU A 22 3.83 10.68 -19.35
C GLU A 22 4.82 9.52 -19.26
N GLY A 23 5.31 9.07 -20.42
CA GLY A 23 6.09 7.86 -20.45
C GLY A 23 5.27 6.70 -19.94
N LYS A 24 5.83 5.94 -18.99
CA LYS A 24 5.11 4.83 -18.36
C LYS A 24 4.20 5.29 -17.23
N ALA A 25 4.35 6.53 -16.78
CA ALA A 25 3.56 7.03 -15.65
C ALA A 25 2.14 7.37 -16.09
N ARG A 26 1.19 7.15 -15.18
CA ARG A 26 -0.21 7.43 -15.42
C ARG A 26 -0.81 8.13 -14.23
N THR A 27 -1.84 8.93 -14.50
CA THR A 27 -2.66 9.45 -13.42
C THR A 27 -4.13 9.29 -13.80
N GLY A 28 -4.97 9.01 -12.81
CA GLY A 28 -6.37 8.80 -13.09
C GLY A 28 -7.15 8.52 -11.83
N THR A 29 -8.25 7.78 -11.97
CA THR A 29 -9.15 7.52 -10.86
C THR A 29 -9.68 6.11 -10.89
N ILE A 30 -9.85 5.55 -9.71
CA ILE A 30 -10.62 4.33 -9.53
C ILE A 30 -11.93 4.75 -8.86
N GLU A 31 -13.06 4.47 -9.51
CA GLU A 31 -14.35 4.71 -8.87
C GLU A 31 -14.88 3.41 -8.30
N MET A 32 -15.31 3.48 -7.05
CA MET A 32 -15.93 2.34 -6.36
C MET A 32 -17.16 2.83 -5.61
N LYS A 33 -17.96 1.91 -5.11
CA LYS A 33 -19.19 2.32 -4.44
C LYS A 33 -18.94 3.26 -3.25
N ARG A 34 -17.88 3.03 -2.49
CA ARG A 34 -17.63 3.85 -1.31
CA ARG A 34 -17.63 3.84 -1.30
C ARG A 34 -16.82 5.11 -1.56
N GLY A 35 -16.37 5.31 -2.81
CA GLY A 35 -15.64 6.53 -3.11
C GLY A 35 -14.72 6.43 -4.28
N VAL A 36 -14.11 7.58 -4.60
CA VAL A 36 -13.14 7.69 -5.67
C VAL A 36 -11.72 7.70 -5.11
N ILE A 37 -10.84 6.97 -5.77
CA ILE A 37 -9.44 6.90 -5.42
C ILE A 37 -8.61 7.56 -6.52
N ARG A 38 -7.89 8.62 -6.18
CA ARG A 38 -7.02 9.31 -7.13
C ARG A 38 -5.69 8.55 -7.24
N THR A 39 -5.22 8.32 -8.46
CA THR A 39 -3.99 7.58 -8.66
C THR A 39 -2.97 8.43 -9.41
N PRO A 40 -1.66 8.27 -9.12
CA PRO A 40 -1.11 7.33 -8.14
C PRO A 40 -1.55 7.63 -6.70
N ALA A 41 -1.80 6.55 -5.95
CA ALA A 41 -2.37 6.62 -4.62
C ALA A 41 -1.42 6.06 -3.57
N PHE A 42 -1.37 6.71 -2.41
CA PHE A 42 -0.76 6.12 -1.24
C PHE A 42 -1.83 5.74 -0.23
N MET A 43 -1.79 4.49 0.22
CA MET A 43 -2.73 3.94 1.20
C MET A 43 -2.07 3.80 2.56
N PRO A 44 -2.47 4.64 3.53
CA PRO A 44 -2.02 4.42 4.91
C PRO A 44 -2.44 3.03 5.40
N VAL A 45 -1.59 2.42 6.22
CA VAL A 45 -1.84 1.09 6.71
C VAL A 45 -2.49 1.14 8.08
N GLY A 46 -3.64 0.49 8.21
N GLY A 46 -3.69 0.55 8.13
CA GLY A 46 -4.35 0.42 9.48
CA GLY A 46 -4.39 0.30 9.37
C GLY A 46 -4.36 -0.97 10.07
C GLY A 46 -4.20 -1.16 9.68
N THR A 47 -3.17 -1.45 10.47
CA THR A 47 -2.89 -2.84 10.87
C THR A 47 -4.03 -3.65 11.52
N ALA A 48 -4.48 -3.21 12.69
CA ALA A 48 -5.55 -3.88 13.41
C ALA A 48 -6.71 -2.90 13.63
N ALA A 49 -7.28 -2.46 12.52
CA ALA A 49 -8.47 -1.63 12.52
C ALA A 49 -8.25 -0.22 13.06
N THR A 50 -7.02 0.28 12.92
CA THR A 50 -6.71 1.67 13.20
C THR A 50 -5.44 2.04 12.45
N VAL A 51 -5.43 3.22 11.84
CA VAL A 51 -4.18 3.82 11.37
C VAL A 51 -3.55 4.41 12.63
N LYS A 52 -2.39 3.88 13.01
CA LYS A 52 -1.88 4.06 14.36
C LYS A 52 -1.78 5.57 14.73
N ALA A 53 -2.40 5.92 15.85
CA ALA A 53 -2.36 7.26 16.46
C ALA A 53 -3.21 8.33 15.75
N LEU A 54 -4.08 7.92 14.82
CA LEU A 54 -4.92 8.87 14.09
C LEU A 54 -6.38 8.46 14.10
N LYS A 55 -7.28 9.40 14.39
CA LYS A 55 -8.68 9.19 14.07
C LYS A 55 -8.85 9.10 12.55
N PRO A 56 -9.87 8.34 12.08
CA PRO A 56 -10.14 8.29 10.64
C PRO A 56 -10.36 9.66 10.03
N GLU A 57 -11.00 10.58 10.75
CA GLU A 57 -11.20 11.91 10.18
C GLU A 57 -9.86 12.61 9.90
N THR A 58 -8.86 12.35 10.73
CA THR A 58 -7.55 12.94 10.52
C THR A 58 -6.87 12.28 9.32
N VAL A 59 -6.99 10.96 9.21
CA VAL A 59 -6.48 10.27 8.03
C VAL A 59 -7.07 10.88 6.77
N ARG A 60 -8.38 11.09 6.76
CA ARG A 60 -9.01 11.69 5.59
C ARG A 60 -8.51 13.13 5.34
N ALA A 61 -8.36 13.90 6.41
CA ALA A 61 -7.93 15.29 6.28
C ALA A 61 -6.55 15.40 5.64
N THR A 62 -5.71 14.38 5.81
CA THR A 62 -4.39 14.40 5.18
C THR A 62 -4.47 14.21 3.67
N GLY A 63 -5.61 13.72 3.18
CA GLY A 63 -5.77 13.50 1.76
C GLY A 63 -5.95 12.06 1.32
N ALA A 64 -5.90 11.11 2.26
CA ALA A 64 -6.06 9.70 1.90
C ALA A 64 -7.46 9.43 1.36
N ASP A 65 -7.52 8.67 0.26
CA ASP A 65 -8.78 8.25 -0.35
C ASP A 65 -9.16 6.82 0.03
N ILE A 66 -8.20 6.04 0.51
CA ILE A 66 -8.35 4.62 0.78
C ILE A 66 -7.29 4.26 1.82
N ILE A 67 -7.60 3.30 2.69
CA ILE A 67 -6.63 2.76 3.63
C ILE A 67 -6.54 1.25 3.46
N LEU A 68 -5.47 0.67 3.99
CA LEU A 68 -5.24 -0.76 3.95
C LEU A 68 -5.47 -1.40 5.30
N GLY A 69 -6.12 -2.56 5.31
CA GLY A 69 -6.21 -3.37 6.52
C GLY A 69 -5.51 -4.70 6.32
N ASN A 70 -4.89 -5.24 7.37
CA ASN A 70 -4.19 -6.52 7.26
C ASN A 70 -5.04 -7.71 7.72
N THR A 71 -5.42 -8.54 6.75
CA THR A 71 -6.17 -9.77 7.01
C THR A 71 -5.56 -10.65 8.12
N TYR A 72 -4.25 -10.86 8.05
CA TYR A 72 -3.58 -11.71 9.03
C TYR A 72 -3.75 -11.20 10.45
N HIS A 73 -3.53 -9.91 10.65
CA HIS A 73 -3.64 -9.35 11.99
C HIS A 73 -5.08 -9.31 12.48
N LEU A 74 -5.99 -8.88 11.61
CA LEU A 74 -7.39 -8.76 11.99
C LEU A 74 -8.00 -10.11 12.34
N MET A 75 -7.57 -11.16 11.64
CA MET A 75 -8.11 -12.48 11.95
C MET A 75 -7.66 -12.96 13.32
N LEU A 76 -6.48 -12.52 13.76
CA LEU A 76 -5.96 -12.87 15.07
C LEU A 76 -6.58 -12.03 16.21
N ARG A 77 -6.82 -10.76 15.93
CA ARG A 77 -7.41 -9.85 16.91
C ARG A 77 -7.96 -8.65 16.15
N PRO A 78 -9.26 -8.35 16.28
CA PRO A 78 -10.25 -8.93 17.19
C PRO A 78 -10.96 -10.17 16.66
N GLY A 79 -10.63 -10.59 15.44
CA GLY A 79 -11.31 -11.71 14.80
C GLY A 79 -12.20 -11.28 13.66
N ALA A 80 -12.17 -12.03 12.55
CA ALA A 80 -12.94 -11.67 11.35
C ALA A 80 -14.44 -11.84 11.56
N GLU A 81 -14.84 -12.98 12.11
CA GLU A 81 -16.25 -13.22 12.42
C GLU A 81 -16.80 -12.17 13.40
N ARG A 82 -16.01 -11.81 14.40
CA ARG A 82 -16.44 -10.77 15.33
C ARG A 82 -16.68 -9.44 14.62
N ILE A 83 -15.74 -9.03 13.78
CA ILE A 83 -15.94 -7.79 13.03
C ILE A 83 -17.21 -7.86 12.16
N ALA A 84 -17.44 -8.98 11.51
CA ALA A 84 -18.65 -9.14 10.71
C ALA A 84 -19.90 -9.00 11.57
N LYS A 85 -19.90 -9.62 12.75
CA LYS A 85 -21.04 -9.53 13.65
C LYS A 85 -21.31 -8.09 14.08
N LEU A 86 -20.25 -7.30 14.16
CA LEU A 86 -20.35 -5.92 14.60
C LEU A 86 -20.65 -4.96 13.45
N GLY A 87 -20.79 -5.50 12.23
CA GLY A 87 -21.20 -4.69 11.11
C GLY A 87 -20.14 -4.44 10.06
N GLY A 88 -18.97 -5.05 10.20
CA GLY A 88 -17.91 -4.90 9.21
C GLY A 88 -16.86 -3.88 9.62
N LEU A 89 -15.72 -3.91 8.95
CA LEU A 89 -14.58 -3.09 9.34
C LEU A 89 -14.86 -1.58 9.25
N HIS A 90 -15.56 -1.16 8.20
CA HIS A 90 -15.83 0.27 8.01
C HIS A 90 -16.57 0.85 9.20
N SER A 91 -17.63 0.15 9.60
N SER A 91 -17.63 0.18 9.65
CA SER A 91 -18.45 0.53 10.73
CA SER A 91 -18.39 0.71 10.78
C SER A 91 -17.65 0.50 12.04
C SER A 91 -17.66 0.51 12.10
N PHE A 92 -16.93 -0.59 12.23
CA PHE A 92 -16.17 -0.85 13.44
C PHE A 92 -15.19 0.30 13.72
N MET A 93 -14.41 0.67 12.70
CA MET A 93 -13.36 1.66 12.92
C MET A 93 -13.76 3.09 12.56
N GLY A 94 -14.90 3.27 11.88
CA GLY A 94 -15.35 4.61 11.55
C GLY A 94 -14.70 5.22 10.32
N TRP A 95 -14.34 4.40 9.35
CA TRP A 95 -13.82 4.85 8.05
C TRP A 95 -14.81 4.39 7.00
N ASP A 96 -15.46 5.32 6.31
CA ASP A 96 -16.55 4.95 5.40
C ASP A 96 -16.16 4.94 3.92
N ARG A 97 -14.89 5.21 3.64
CA ARG A 97 -14.37 5.19 2.28
C ARG A 97 -13.78 3.82 1.94
N PRO A 98 -13.23 3.65 0.72
CA PRO A 98 -12.72 2.31 0.39
C PRO A 98 -11.61 1.83 1.32
N ILE A 99 -11.60 0.51 1.52
CA ILE A 99 -10.55 -0.18 2.24
C ILE A 99 -10.07 -1.31 1.35
N LEU A 100 -8.75 -1.41 1.20
CA LEU A 100 -8.12 -2.56 0.59
C LEU A 100 -7.60 -3.46 1.69
N THR A 101 -7.80 -4.78 1.56
CA THR A 101 -7.19 -5.70 2.48
C THR A 101 -6.15 -6.56 1.78
N ASP A 102 -4.99 -6.71 2.39
CA ASP A 102 -4.04 -7.67 1.85
C ASP A 102 -4.53 -9.09 2.15
N SER A 103 -3.87 -10.09 1.59
CA SER A 103 -4.41 -11.43 1.68
C SER A 103 -3.86 -12.26 2.82
N GLY A 104 -2.71 -11.84 3.36
CA GLY A 104 -2.02 -12.60 4.38
C GLY A 104 -0.76 -13.31 3.92
N GLY A 105 -0.54 -13.41 2.60
CA GLY A 105 0.64 -14.09 2.08
C GLY A 105 1.96 -13.55 2.63
N PHE A 106 2.03 -12.23 2.82
CA PHE A 106 3.27 -11.62 3.29
C PHE A 106 3.56 -11.97 4.74
N GLN A 107 2.53 -11.92 5.59
CA GLN A 107 2.72 -12.21 6.99
C GLN A 107 3.04 -13.70 7.23
N VAL A 108 2.52 -14.57 6.37
CA VAL A 108 2.81 -16.01 6.44
C VAL A 108 4.29 -16.26 6.22
N MET A 109 4.88 -15.47 5.33
CA MET A 109 6.27 -15.70 4.92
C MET A 109 7.25 -15.16 5.96
N LYS A 116 2.50 -25.23 9.31
CA LYS A 116 2.43 -26.26 8.27
C LYS A 116 1.98 -25.64 6.96
N GLN A 117 2.72 -25.93 5.90
CA GLN A 117 2.37 -25.43 4.58
C GLN A 117 2.03 -26.60 3.65
N SER A 118 1.11 -26.36 2.73
CA SER A 118 0.73 -27.36 1.74
C SER A 118 0.05 -26.66 0.58
N GLU A 119 -0.26 -27.43 -0.45
CA GLU A 119 -0.96 -26.89 -1.59
C GLU A 119 -2.36 -26.41 -1.20
N GLU A 120 -2.90 -26.91 -0.10
CA GLU A 120 -4.21 -26.45 0.35
C GLU A 120 -4.16 -25.07 1.00
N GLY A 121 -3.08 -24.76 1.70
CA GLY A 121 -2.94 -23.51 2.43
C GLY A 121 -1.96 -23.72 3.57
N VAL A 122 -2.05 -22.85 4.57
CA VAL A 122 -1.11 -22.88 5.67
C VAL A 122 -1.82 -22.90 7.02
N THR A 123 -1.23 -23.60 7.99
CA THR A 123 -1.65 -23.46 9.37
C THR A 123 -0.49 -22.85 10.16
N PHE A 124 -0.82 -22.07 11.19
CA PHE A 124 0.20 -21.38 11.97
C PHE A 124 -0.31 -21.05 13.36
N LYS A 125 0.62 -20.82 14.27
CA LYS A 125 0.27 -20.44 15.64
C LYS A 125 0.26 -18.92 15.77
N SER A 126 -0.75 -18.40 16.48
CA SER A 126 -0.84 -16.97 16.74
C SER A 126 0.35 -16.50 17.57
N HIS A 127 0.94 -15.38 17.16
CA HIS A 127 2.04 -14.77 17.90
C HIS A 127 1.50 -14.04 19.14
N SER A 131 -2.95 -19.86 19.87
CA SER A 131 -4.05 -20.50 19.15
C SER A 131 -3.65 -20.83 17.72
N ARG A 132 -4.21 -21.90 17.18
CA ARG A 132 -3.90 -22.34 15.83
C ARG A 132 -4.84 -21.70 14.81
N HIS A 133 -4.27 -21.21 13.71
CA HIS A 133 -5.07 -20.58 12.67
C HIS A 133 -4.72 -21.09 11.30
N MET A 134 -5.63 -20.87 10.36
CA MET A 134 -5.46 -21.38 9.01
C MET A 134 -5.74 -20.30 7.97
N LEU A 135 -4.92 -20.30 6.92
CA LEU A 135 -5.19 -19.47 5.76
C LEU A 135 -5.07 -20.30 4.49
N SER A 136 -5.88 -19.95 3.50
CA SER A 136 -5.95 -20.64 2.23
C SER A 136 -6.57 -19.63 1.29
N PRO A 137 -6.53 -19.89 -0.03
CA PRO A 137 -7.23 -18.96 -0.91
C PRO A 137 -8.69 -18.76 -0.48
N GLU A 138 -9.38 -19.84 -0.16
CA GLU A 138 -10.79 -19.75 0.20
C GLU A 138 -11.00 -19.02 1.52
N ARG A 139 -10.19 -19.35 2.52
CA ARG A 139 -10.35 -18.71 3.82
C ARG A 139 -9.92 -17.24 3.79
N SER A 140 -8.86 -16.91 3.07
CA SER A 140 -8.45 -15.52 2.95
C SER A 140 -9.56 -14.68 2.31
N ILE A 141 -10.11 -15.16 1.21
CA ILE A 141 -11.19 -14.44 0.54
C ILE A 141 -12.40 -14.31 1.46
N GLU A 142 -12.70 -15.38 2.21
CA GLU A 142 -13.80 -15.33 3.18
C GLU A 142 -13.56 -14.29 4.27
N ILE A 143 -12.37 -14.26 4.85
CA ILE A 143 -12.06 -13.26 5.85
C ILE A 143 -12.23 -11.86 5.29
N GLN A 144 -11.74 -11.63 4.08
CA GLN A 144 -11.85 -10.32 3.47
C GLN A 144 -13.32 -9.93 3.26
N HIS A 145 -14.15 -10.91 2.90
CA HIS A 145 -15.59 -10.71 2.83
C HIS A 145 -16.18 -10.35 4.21
N LEU A 146 -15.82 -11.10 5.24
CA LEU A 146 -16.32 -10.83 6.58
C LEU A 146 -15.96 -9.42 7.06
N LEU A 147 -14.75 -8.97 6.69
CA LEU A 147 -14.33 -7.61 7.01
C LEU A 147 -15.11 -6.57 6.18
N GLY A 148 -15.60 -6.98 5.03
CA GLY A 148 -16.31 -6.07 4.14
C GLY A 148 -15.39 -5.21 3.30
N SER A 149 -14.22 -5.75 2.98
N SER A 149 -14.17 -5.62 3.06
CA SER A 149 -13.22 -5.14 2.12
CA SER A 149 -13.29 -4.71 2.33
C SER A 149 -13.74 -4.68 0.75
C SER A 149 -13.75 -4.59 0.89
N ASP A 150 -13.33 -3.49 0.29
CA ASP A 150 -13.67 -3.08 -1.07
C ASP A 150 -12.73 -3.61 -2.13
N ILE A 151 -11.44 -3.64 -1.82
CA ILE A 151 -10.48 -4.26 -2.72
C ILE A 151 -9.88 -5.45 -1.99
N VAL A 152 -10.16 -6.62 -2.55
CA VAL A 152 -9.77 -7.91 -2.02
C VAL A 152 -8.54 -8.38 -2.79
N MET A 153 -7.57 -8.95 -2.09
CA MET A 153 -6.44 -9.48 -2.81
CA MET A 153 -6.33 -9.43 -2.72
C MET A 153 -6.33 -10.97 -2.75
N ALA A 154 -5.88 -11.54 -3.87
CA ALA A 154 -5.68 -12.97 -3.97
C ALA A 154 -4.67 -13.45 -2.92
N PHE A 155 -4.87 -14.67 -2.43
CA PHE A 155 -3.93 -15.29 -1.51
C PHE A 155 -2.79 -15.94 -2.28
N ASP A 156 -1.56 -15.57 -1.94
CA ASP A 156 -0.36 -15.98 -2.66
C ASP A 156 0.66 -16.64 -1.72
N GLU A 157 1.74 -17.13 -2.31
CA GLU A 157 2.90 -17.60 -1.56
C GLU A 157 4.07 -16.73 -1.94
N VAL A 158 4.65 -16.03 -0.97
CA VAL A 158 5.68 -15.03 -1.24
C VAL A 158 7.05 -15.61 -0.91
N THR A 159 7.88 -15.81 -1.93
CA THR A 159 9.20 -16.37 -1.69
C THR A 159 10.16 -15.28 -1.22
N PRO A 160 11.01 -15.61 -0.24
CA PRO A 160 11.96 -14.61 0.23
C PRO A 160 13.08 -14.36 -0.78
N TYR A 161 13.78 -13.24 -0.61
CA TYR A 161 14.94 -12.93 -1.44
C TYR A 161 16.20 -13.18 -0.62
N PRO A 162 17.22 -13.81 -1.22
CA PRO A 162 17.26 -14.30 -2.60
C PRO A 162 16.55 -15.64 -2.77
N ALA A 163 16.05 -15.88 -3.97
CA ALA A 163 15.37 -17.13 -4.28
C ALA A 163 16.06 -17.80 -5.46
N THR A 164 16.23 -19.12 -5.38
CA THR A 164 16.74 -19.83 -6.53
C THR A 164 15.68 -19.82 -7.62
N PRO A 165 16.10 -19.93 -8.88
CA PRO A 165 15.11 -20.03 -9.97
C PRO A 165 14.08 -21.15 -9.73
N SER A 166 14.50 -22.31 -9.23
CA SER A 166 13.55 -23.40 -9.00
C SER A 166 12.49 -23.06 -7.96
N ARG A 167 12.94 -22.51 -6.83
CA ARG A 167 12.02 -22.18 -5.75
C ARG A 167 11.12 -21.00 -6.11
N ALA A 168 11.68 -20.02 -6.79
CA ALA A 168 10.88 -18.91 -7.28
C ALA A 168 9.81 -19.42 -8.24
N ALA A 169 10.17 -20.36 -9.12
CA ALA A 169 9.20 -20.90 -10.05
C ALA A 169 8.09 -21.68 -9.32
N SER A 170 8.47 -22.52 -8.34
CA SER A 170 7.48 -23.26 -7.58
C SER A 170 6.48 -22.39 -6.84
N SER A 171 6.97 -21.34 -6.18
CA SER A 171 6.09 -20.44 -5.44
CA SER A 171 6.12 -20.43 -5.44
C SER A 171 5.24 -19.63 -6.40
N MET A 172 5.82 -19.25 -7.54
CA MET A 172 5.03 -18.51 -8.52
C MET A 172 3.91 -19.41 -9.06
N GLU A 173 4.23 -20.65 -9.40
CA GLU A 173 3.23 -21.56 -9.96
C GLU A 173 2.13 -21.84 -8.95
N ARG A 174 2.51 -22.08 -7.71
CA ARG A 174 1.53 -22.25 -6.65
C ARG A 174 0.67 -20.98 -6.52
N SER A 175 1.32 -19.82 -6.52
CA SER A 175 0.56 -18.58 -6.44
C SER A 175 -0.44 -18.44 -7.58
N MET A 176 -0.11 -18.91 -8.77
CA MET A 176 -1.06 -18.80 -9.87
C MET A 176 -2.23 -19.77 -9.71
N ARG A 177 -1.96 -20.99 -9.24
CA ARG A 177 -3.06 -21.91 -8.89
C ARG A 177 -3.94 -21.30 -7.80
N TRP A 178 -3.31 -20.66 -6.83
CA TRP A 178 -4.04 -20.01 -5.75
C TRP A 178 -4.80 -18.77 -6.20
N ALA A 179 -4.29 -18.12 -7.26
CA ALA A 179 -4.97 -16.96 -7.83
C ALA A 179 -6.29 -17.40 -8.46
N LYS A 180 -6.28 -18.53 -9.16
CA LYS A 180 -7.50 -19.07 -9.73
C LYS A 180 -8.49 -19.48 -8.62
N ARG A 181 -7.99 -20.15 -7.57
CA ARG A 181 -8.85 -20.49 -6.45
C ARG A 181 -9.45 -19.23 -5.79
N SER A 182 -8.65 -18.16 -5.69
CA SER A 182 -9.10 -16.90 -5.09
C SER A 182 -10.21 -16.29 -5.95
N ARG A 183 -9.99 -16.26 -7.26
CA ARG A 183 -10.96 -15.77 -8.23
C ARG A 183 -12.30 -16.51 -8.07
N ASP A 184 -12.24 -17.83 -8.01
CA ASP A 184 -13.46 -18.64 -7.95
C ASP A 184 -14.17 -18.45 -6.62
N ALA A 185 -13.42 -18.36 -5.53
CA ALA A 185 -14.01 -18.13 -4.22
C ALA A 185 -14.75 -16.79 -4.17
N PHE A 186 -14.10 -15.75 -4.68
CA PHE A 186 -14.67 -14.41 -4.74
C PHE A 186 -15.94 -14.40 -5.59
N ASP A 187 -15.86 -15.04 -6.77
CA ASP A 187 -16.99 -15.03 -7.70
C ASP A 187 -18.20 -15.81 -7.20
N SER A 188 -17.94 -16.80 -6.35
CA SER A 188 -19.02 -17.66 -5.88
CA SER A 188 -19.00 -17.66 -5.85
C SER A 188 -19.82 -16.98 -4.77
N ARG A 189 -19.31 -15.88 -4.26
CA ARG A 189 -19.98 -15.16 -3.21
C ARG A 189 -20.60 -13.90 -3.80
N LYS A 190 -21.90 -13.98 -4.10
CA LYS A 190 -22.57 -12.97 -4.90
C LYS A 190 -22.40 -11.54 -4.37
N GLU A 191 -22.58 -11.37 -3.07
CA GLU A 191 -22.52 -10.05 -2.46
C GLU A 191 -21.12 -9.45 -2.63
N GLN A 192 -20.11 -10.29 -2.50
CA GLN A 192 -18.73 -9.85 -2.66
C GLN A 192 -18.46 -9.54 -4.13
N ALA A 193 -18.84 -10.45 -5.01
CA ALA A 193 -18.60 -10.28 -6.44
C ALA A 193 -19.25 -9.00 -6.99
N GLU A 194 -20.41 -8.64 -6.45
CA GLU A 194 -21.15 -7.50 -6.96
C GLU A 194 -20.73 -6.15 -6.39
N ASN A 195 -20.05 -6.16 -5.25
CA ASN A 195 -19.76 -4.92 -4.54
C ASN A 195 -18.30 -4.61 -4.32
N ALA A 196 -17.44 -5.61 -4.41
CA ALA A 196 -16.01 -5.46 -4.18
C ALA A 196 -15.24 -5.72 -5.47
N ALA A 197 -13.94 -5.47 -5.42
CA ALA A 197 -13.02 -5.77 -6.52
C ALA A 197 -11.99 -6.78 -6.06
N LEU A 198 -11.40 -7.49 -7.01
CA LEU A 198 -10.41 -8.52 -6.72
C LEU A 198 -9.14 -8.23 -7.52
N PHE A 199 -8.00 -8.14 -6.83
CA PHE A 199 -6.72 -7.94 -7.49
C PHE A 199 -5.88 -9.24 -7.42
N GLY A 200 -5.20 -9.55 -8.52
CA GLY A 200 -4.26 -10.65 -8.56
C GLY A 200 -2.86 -10.17 -8.21
N ILE A 201 -1.99 -11.09 -7.83
CA ILE A 201 -0.63 -10.73 -7.41
C ILE A 201 0.41 -11.48 -8.24
N GLN A 202 1.21 -10.71 -8.99
CA GLN A 202 2.30 -11.28 -9.77
C GLN A 202 3.46 -11.67 -8.86
N GLN A 203 4.00 -12.87 -9.08
CA GLN A 203 5.19 -13.32 -8.37
C GLN A 203 6.28 -13.67 -9.38
N GLY A 204 7.32 -14.40 -8.96
CA GLY A 204 8.42 -14.68 -9.85
C GLY A 204 9.78 -14.14 -9.44
N SER A 205 9.87 -13.59 -8.23
CA SER A 205 11.12 -13.07 -7.71
C SER A 205 11.70 -12.03 -8.68
N VAL A 206 12.98 -12.16 -9.02
CA VAL A 206 13.64 -11.19 -9.88
C VAL A 206 13.81 -11.69 -11.30
N PHE A 207 13.13 -12.78 -11.64
CA PHE A 207 13.35 -13.47 -12.91
C PHE A 207 12.32 -13.08 -13.97
N GLU A 208 12.82 -12.54 -15.08
CA GLU A 208 11.95 -12.03 -16.13
C GLU A 208 11.00 -13.09 -16.70
N ASN A 209 11.51 -14.27 -17.01
CA ASN A 209 10.66 -15.32 -17.54
C ASN A 209 9.53 -15.72 -16.59
N LEU A 210 9.83 -15.81 -15.30
CA LEU A 210 8.80 -16.16 -14.32
C LEU A 210 7.78 -15.04 -14.16
N ARG A 211 8.25 -13.79 -14.16
CA ARG A 211 7.36 -12.65 -14.08
C ARG A 211 6.41 -12.63 -15.28
N GLN A 212 6.92 -13.00 -16.45
CA GLN A 212 6.09 -13.07 -17.65
C GLN A 212 5.04 -14.17 -17.55
N GLN A 213 5.46 -15.37 -17.14
CA GLN A 213 4.51 -16.46 -16.95
C GLN A 213 3.43 -16.08 -15.94
N SER A 214 3.83 -15.40 -14.88
CA SER A 214 2.89 -15.01 -13.86
C SER A 214 1.88 -13.97 -14.40
N ALA A 215 2.39 -12.95 -15.08
CA ALA A 215 1.51 -11.95 -15.70
C ALA A 215 0.51 -12.61 -16.66
N ASP A 216 1.01 -13.53 -17.49
CA ASP A 216 0.14 -14.19 -18.45
C ASP A 216 -0.96 -15.00 -17.75
N ALA A 217 -0.60 -15.74 -16.70
CA ALA A 217 -1.57 -16.51 -15.95
C ALA A 217 -2.64 -15.62 -15.32
N LEU A 218 -2.20 -14.51 -14.72
CA LEU A 218 -3.16 -13.62 -14.07
C LEU A 218 -4.09 -12.95 -15.07
N ALA A 219 -3.54 -12.53 -16.21
CA ALA A 219 -4.36 -11.90 -17.24
C ALA A 219 -5.37 -12.88 -17.82
N GLU A 220 -4.98 -14.16 -17.94
CA GLU A 220 -5.90 -15.18 -18.44
C GLU A 220 -7.07 -15.39 -17.49
N ILE A 221 -6.78 -15.41 -16.20
CA ILE A 221 -7.83 -15.54 -15.19
C ILE A 221 -8.70 -14.29 -15.20
N GLY A 222 -8.06 -13.12 -15.20
CA GLY A 222 -8.74 -11.83 -15.25
C GLY A 222 -8.99 -11.28 -13.86
N PHE A 223 -8.47 -10.09 -13.58
CA PHE A 223 -8.65 -9.41 -12.30
C PHE A 223 -8.99 -7.95 -12.54
N ASP A 224 -9.46 -7.29 -11.50
CA ASP A 224 -9.75 -5.87 -11.56
C ASP A 224 -8.49 -5.00 -11.47
N GLY A 225 -7.42 -5.57 -10.94
CA GLY A 225 -6.16 -4.87 -10.78
C GLY A 225 -5.08 -5.89 -10.54
N TYR A 226 -3.82 -5.46 -10.68
CA TYR A 226 -2.69 -6.37 -10.64
C TYR A 226 -1.61 -5.80 -9.75
N ALA A 227 -1.26 -6.55 -8.72
CA ALA A 227 -0.18 -6.16 -7.86
C ALA A 227 1.12 -6.81 -8.30
N VAL A 228 2.21 -6.08 -8.11
CA VAL A 228 3.54 -6.64 -8.24
C VAL A 228 3.93 -7.08 -6.85
N GLY A 229 3.92 -8.39 -6.62
CA GLY A 229 4.26 -8.94 -5.32
C GLY A 229 5.73 -9.33 -5.24
N GLY A 230 6.18 -9.62 -4.03
CA GLY A 230 7.48 -10.25 -3.85
C GLY A 230 8.68 -9.33 -4.01
N LEU A 231 8.46 -8.01 -4.03
CA LEU A 231 9.57 -7.07 -4.06
C LEU A 231 9.68 -6.35 -2.72
N ALA A 232 10.73 -5.56 -2.56
CA ALA A 232 11.03 -4.91 -1.28
C ALA A 232 11.10 -5.93 -0.15
N VAL A 233 11.71 -7.08 -0.45
CA VAL A 233 11.91 -8.11 0.56
C VAL A 233 13.40 -8.42 0.75
N GLY A 234 14.25 -7.46 0.41
CA GLY A 234 15.67 -7.59 0.66
C GLY A 234 16.57 -7.26 -0.51
N GLU A 235 16.00 -7.17 -1.71
N GLU A 235 15.99 -7.09 -1.70
CA GLU A 235 16.78 -6.72 -2.84
CA GLU A 235 16.78 -6.96 -2.92
C GLU A 235 16.90 -5.20 -2.71
C GLU A 235 17.41 -5.59 -3.19
N GLY A 236 17.97 -4.64 -3.26
N GLY A 236 16.92 -4.54 -2.53
CA GLY A 236 18.15 -3.20 -3.20
CA GLY A 236 17.46 -3.21 -2.73
C GLY A 236 17.23 -2.48 -4.16
C GLY A 236 16.86 -2.47 -3.90
N GLN A 237 17.11 -1.16 -3.99
CA GLN A 237 16.36 -0.33 -4.92
C GLN A 237 16.74 -0.52 -6.39
N ASP A 238 18.05 -0.60 -6.68
CA ASP A 238 18.48 -0.80 -8.05
C ASP A 238 17.85 -2.06 -8.65
N GLU A 239 17.89 -3.15 -7.89
CA GLU A 239 17.35 -4.41 -8.36
C GLU A 239 15.82 -4.35 -8.47
N MET A 240 15.19 -3.75 -7.47
CA MET A 240 13.75 -3.58 -7.52
C MET A 240 13.33 -2.81 -8.77
N PHE A 241 14.04 -1.72 -9.05
CA PHE A 241 13.73 -0.92 -10.23
C PHE A 241 13.97 -1.70 -11.51
N ARG A 242 15.05 -2.49 -11.54
CA ARG A 242 15.33 -3.33 -12.70
C ARG A 242 14.19 -4.31 -12.96
N VAL A 243 13.69 -4.92 -11.90
CA VAL A 243 12.59 -5.87 -12.05
C VAL A 243 11.31 -5.15 -12.46
N LEU A 244 11.05 -3.98 -11.88
CA LEU A 244 9.88 -3.20 -12.32
C LEU A 244 9.97 -2.81 -13.80
N ASP A 245 11.18 -2.51 -14.27
CA ASP A 245 11.36 -2.10 -15.67
C ASP A 245 10.75 -3.10 -16.63
N PHE A 246 10.98 -4.40 -16.41
CA PHE A 246 10.36 -5.40 -17.28
C PHE A 246 9.03 -5.94 -16.80
N SER A 247 8.75 -5.86 -15.49
CA SER A 247 7.56 -6.53 -14.97
C SER A 247 6.26 -5.75 -15.17
N VAL A 248 6.30 -4.45 -14.94
CA VAL A 248 5.07 -3.68 -15.06
C VAL A 248 4.46 -3.70 -16.47
N PRO A 249 5.30 -3.58 -17.53
CA PRO A 249 4.71 -3.64 -18.88
C PRO A 249 4.04 -4.97 -19.21
N MET A 250 4.31 -6.02 -18.44
CA MET A 250 3.69 -7.32 -18.69
C MET A 250 2.23 -7.36 -18.24
N LEU A 251 1.87 -6.45 -17.34
CA LEU A 251 0.52 -6.42 -16.77
C LEU A 251 -0.41 -5.69 -17.71
N PRO A 252 -1.73 -5.99 -17.66
CA PRO A 252 -2.68 -5.24 -18.49
C PRO A 252 -2.56 -3.74 -18.24
N ASP A 253 -2.42 -2.99 -19.31
CA ASP A 253 -2.22 -1.54 -19.21
C ASP A 253 -3.44 -0.83 -18.63
N ASP A 254 -4.62 -1.36 -18.89
CA ASP A 254 -5.88 -0.67 -18.55
C ASP A 254 -6.40 -0.95 -17.15
N LYS A 255 -5.60 -1.60 -16.32
CA LYS A 255 -5.98 -1.85 -14.93
C LYS A 255 -4.92 -1.29 -14.00
N PRO A 256 -5.30 -1.01 -12.74
CA PRO A 256 -4.30 -0.49 -11.79
C PRO A 256 -3.19 -1.47 -11.52
N HIS A 257 -2.01 -0.89 -11.27
CA HIS A 257 -0.79 -1.62 -10.96
C HIS A 257 -0.37 -1.24 -9.53
N TYR A 258 -0.31 -2.22 -8.63
CA TYR A 258 -0.13 -1.95 -7.21
C TYR A 258 1.18 -2.56 -6.72
N LEU A 259 2.11 -1.73 -6.27
CA LEU A 259 3.37 -2.24 -5.74
C LEU A 259 3.25 -2.37 -4.23
N MET A 260 3.14 -3.62 -3.76
CA MET A 260 2.82 -3.87 -2.36
C MET A 260 4.02 -3.63 -1.47
N GLY A 261 3.77 -2.92 -0.37
CA GLY A 261 4.79 -2.73 0.65
C GLY A 261 5.95 -1.83 0.23
N VAL A 262 5.68 -0.86 -0.65
CA VAL A 262 6.62 0.19 -1.05
C VAL A 262 5.90 1.55 -0.91
N GLY A 263 6.52 2.57 -0.28
CA GLY A 263 7.83 2.49 0.35
C GLY A 263 8.32 3.91 0.65
N LYS A 264 9.62 4.09 0.59
CA LYS A 264 10.24 5.40 0.79
C LYS A 264 9.84 6.34 -0.32
N PRO A 265 9.85 7.66 -0.05
CA PRO A 265 9.44 8.62 -1.08
C PRO A 265 10.15 8.44 -2.42
N ASP A 266 11.46 8.20 -2.39
CA ASP A 266 12.17 8.00 -3.64
C ASP A 266 11.80 6.69 -4.35
N ASP A 267 11.48 5.65 -3.57
CA ASP A 267 11.00 4.43 -4.19
CA ASP A 267 10.95 4.39 -4.12
C ASP A 267 9.67 4.66 -4.90
N ILE A 268 8.80 5.45 -4.28
CA ILE A 268 7.51 5.77 -4.87
C ILE A 268 7.67 6.52 -6.19
N VAL A 269 8.50 7.56 -6.18
CA VAL A 269 8.71 8.34 -7.39
C VAL A 269 9.22 7.44 -8.53
N GLY A 270 10.26 6.64 -8.25
CA GLY A 270 10.81 5.78 -9.27
C GLY A 270 9.83 4.71 -9.74
N ALA A 271 9.00 4.21 -8.83
CA ALA A 271 8.01 3.19 -9.20
C ALA A 271 6.92 3.80 -10.08
N VAL A 272 6.51 5.04 -9.79
CA VAL A 272 5.57 5.73 -10.66
C VAL A 272 6.15 5.92 -12.07
N GLU A 273 7.43 6.29 -12.14
CA GLU A 273 8.12 6.41 -13.42
C GLU A 273 8.09 5.10 -14.22
N ARG A 274 7.85 3.98 -13.51
CA ARG A 274 7.85 2.66 -14.13
C ARG A 274 6.43 2.07 -14.25
N GLY A 275 5.40 2.88 -13.99
CA GLY A 275 4.03 2.49 -14.27
C GLY A 275 3.19 2.01 -13.10
N ILE A 276 3.66 2.24 -11.87
CA ILE A 276 2.89 1.85 -10.71
C ILE A 276 1.86 2.95 -10.32
N ASP A 277 0.67 2.51 -9.93
CA ASP A 277 -0.46 3.38 -9.60
C ASP A 277 -0.84 3.40 -8.12
N MET A 278 -0.41 2.42 -7.34
CA MET A 278 -0.85 2.28 -5.94
C MET A 278 0.29 1.79 -5.07
N PHE A 279 0.31 2.30 -3.84
CA PHE A 279 1.37 2.04 -2.87
C PHE A 279 0.79 1.91 -1.48
N ASP A 280 1.46 1.13 -0.65
CA ASP A 280 1.20 1.11 0.77
C ASP A 280 2.52 0.86 1.45
N CYS A 281 2.66 1.36 2.68
CA CYS A 281 3.78 0.94 3.49
C CYS A 281 3.58 1.44 4.90
N VAL A 282 4.22 0.76 5.82
CA VAL A 282 4.15 1.14 7.21
C VAL A 282 5.14 2.29 7.50
N LEU A 283 6.05 2.57 6.57
CA LEU A 283 7.11 3.53 6.82
C LEU A 283 6.69 4.88 7.44
N PRO A 284 5.75 5.62 6.80
CA PRO A 284 5.44 6.93 7.39
C PRO A 284 4.84 6.86 8.81
N THR A 285 4.03 5.84 9.07
CA THR A 285 3.42 5.69 10.39
C THR A 285 4.43 5.13 11.39
N ARG A 286 4.99 3.97 11.08
CA ARG A 286 5.92 3.32 12.00
C ARG A 286 7.14 4.18 12.29
N SER A 287 7.76 4.72 11.24
CA SER A 287 8.95 5.50 11.49
C SER A 287 8.61 6.87 12.09
N GLY A 288 7.39 7.36 11.85
CA GLY A 288 6.92 8.54 12.56
C GLY A 288 6.94 8.36 14.06
N ARG A 289 6.41 7.23 14.54
CA ARG A 289 6.40 6.94 15.97
C ARG A 289 7.82 6.84 16.53
N ASN A 290 8.77 6.47 15.68
CA ASN A 290 10.18 6.31 16.04
C ASN A 290 11.00 7.61 16.03
N GLY A 291 10.41 8.68 15.52
CA GLY A 291 11.10 9.96 15.47
C GLY A 291 11.51 10.46 14.09
N GLN A 292 11.32 9.65 13.05
CA GLN A 292 11.72 10.08 11.72
C GLN A 292 10.60 10.86 11.04
N ALA A 293 10.90 12.10 10.66
CA ALA A 293 9.97 12.97 9.93
C ALA A 293 10.45 13.17 8.52
N PHE A 294 9.53 13.03 7.57
CA PHE A 294 9.86 13.32 6.18
C PHE A 294 9.81 14.81 5.87
N THR A 295 10.80 15.29 5.11
CA THR A 295 10.82 16.67 4.64
C THR A 295 11.27 16.66 3.18
N TRP A 296 11.03 17.77 2.48
CA TRP A 296 11.44 17.86 1.09
C TRP A 296 12.95 17.87 0.93
N ASP A 297 13.66 18.12 2.02
CA ASP A 297 15.12 18.09 2.04
C ASP A 297 15.65 16.77 2.62
N GLY A 298 14.78 15.76 2.67
CA GLY A 298 15.16 14.47 3.19
C GLY A 298 14.64 14.23 4.59
N PRO A 299 14.71 12.99 5.07
CA PRO A 299 14.21 12.70 6.41
C PRO A 299 15.10 13.30 7.50
N ILE A 300 14.48 13.62 8.62
CA ILE A 300 15.20 14.04 9.82
C ILE A 300 14.77 13.16 10.98
N ASN A 301 15.65 12.98 11.97
CA ASN A 301 15.20 12.37 13.21
C ASN A 301 15.04 13.40 14.29
N ILE A 302 13.78 13.64 14.63
CA ILE A 302 13.41 14.71 15.51
C ILE A 302 13.98 14.55 16.91
N ARG A 303 14.41 13.34 17.27
CA ARG A 303 15.02 13.15 18.58
CA ARG A 303 15.04 13.10 18.57
C ARG A 303 16.41 13.77 18.69
N ASN A 304 17.03 14.06 17.57
CA ASN A 304 18.39 14.60 17.58
C ASN A 304 18.41 15.92 18.35
N ALA A 305 19.42 16.05 19.22
CA ALA A 305 19.61 17.25 20.05
C ALA A 305 19.59 18.55 19.26
N ARG A 306 19.98 18.52 17.99
CA ARG A 306 20.00 19.74 17.18
C ARG A 306 18.62 20.37 17.04
N PHE A 307 17.55 19.62 17.34
CA PHE A 307 16.18 20.14 17.20
C PHE A 307 15.59 20.66 18.51
N SER A 308 16.34 20.59 19.60
CA SER A 308 15.78 20.86 20.92
C SER A 308 15.25 22.28 21.09
N GLU A 309 15.80 23.23 20.33
CA GLU A 309 15.35 24.62 20.41
C GLU A 309 15.02 25.19 19.03
N ASP A 310 14.68 24.31 18.10
CA ASP A 310 14.38 24.70 16.73
C ASP A 310 12.88 25.03 16.63
N LEU A 311 12.57 26.31 16.39
CA LEU A 311 11.19 26.76 16.36
C LEU A 311 10.51 26.55 15.01
N LYS A 312 11.26 26.10 14.00
CA LYS A 312 10.67 25.85 12.69
C LYS A 312 9.74 24.64 12.73
N PRO A 313 8.77 24.58 11.81
CA PRO A 313 7.95 23.37 11.67
C PRO A 313 8.79 22.21 11.14
N LEU A 314 8.24 21.00 11.23
CA LEU A 314 8.93 19.83 10.71
C LEU A 314 9.44 20.04 9.29
N ASP A 315 8.58 20.53 8.41
CA ASP A 315 8.97 20.86 7.04
C ASP A 315 8.51 22.26 6.69
N SER A 316 9.34 22.98 5.94
CA SER A 316 9.14 24.40 5.67
C SER A 316 7.99 24.73 4.73
N GLU A 317 7.56 23.75 3.95
CA GLU A 317 6.51 23.95 2.95
C GLU A 317 5.22 23.19 3.24
N CYS A 318 5.33 22.12 4.03
CA CYS A 318 4.21 21.24 4.32
C CYS A 318 2.97 21.99 4.80
N HIS A 319 1.82 21.67 4.22
N HIS A 319 1.82 21.66 4.23
CA HIS A 319 0.58 22.36 4.60
CA HIS A 319 0.57 22.33 4.57
C HIS A 319 -0.20 21.67 5.71
C HIS A 319 -0.20 21.67 5.70
N CYS A 320 0.39 20.66 6.34
CA CYS A 320 -0.36 19.91 7.36
C CYS A 320 -0.60 20.72 8.63
N ALA A 321 -1.60 20.28 9.40
CA ALA A 321 -1.96 20.98 10.62
C ALA A 321 -0.82 20.99 11.64
N VAL A 322 0.00 19.95 11.63
CA VAL A 322 1.12 19.88 12.57
C VAL A 322 2.14 20.97 12.27
N CYS A 323 2.45 21.15 10.99
CA CYS A 323 3.40 22.16 10.59
C CYS A 323 2.84 23.57 10.71
N GLN A 324 1.51 23.70 10.75
CA GLN A 324 0.89 24.99 10.99
C GLN A 324 1.01 25.41 12.45
N LYS A 325 1.02 24.45 13.37
CA LYS A 325 0.77 24.71 14.78
C LYS A 325 1.91 24.46 15.77
N TRP A 326 2.81 23.53 15.49
CA TRP A 326 3.83 23.15 16.47
C TRP A 326 5.24 23.16 15.89
N SER A 327 6.20 23.40 16.76
CA SER A 327 7.60 23.45 16.37
C SER A 327 8.28 22.10 16.46
N ARG A 328 9.39 22.00 15.73
CA ARG A 328 10.33 20.90 15.92
C ARG A 328 10.72 20.72 17.39
N ALA A 329 10.97 21.83 18.10
CA ALA A 329 11.39 21.76 19.50
C ALA A 329 10.34 21.05 20.36
N TYR A 330 9.08 21.40 20.13
CA TYR A 330 8.02 20.79 20.91
C TYR A 330 7.90 19.28 20.60
N ILE A 331 7.94 18.93 19.32
CA ILE A 331 7.78 17.53 18.94
C ILE A 331 9.00 16.70 19.40
N HIS A 332 10.20 17.31 19.35
CA HIS A 332 11.42 16.72 19.91
C HIS A 332 11.19 16.34 21.37
N HIS A 333 10.69 17.27 22.15
CA HIS A 333 10.39 17.01 23.55
C HIS A 333 9.38 15.87 23.70
N LEU A 334 8.27 15.92 22.95
CA LEU A 334 7.25 14.89 23.07
C LEU A 334 7.80 13.50 22.78
N ILE A 335 8.55 13.37 21.71
CA ILE A 335 9.06 12.06 21.34
C ILE A 335 10.11 11.58 22.37
N ARG A 336 11.00 12.48 22.79
N ARG A 336 11.00 12.45 22.81
CA ARG A 336 11.97 12.20 23.85
CA ARG A 336 11.99 12.01 23.81
C ARG A 336 11.27 11.64 25.08
C ARG A 336 11.35 11.72 25.18
N ALA A 337 10.18 12.30 25.44
CA ALA A 337 9.44 12.00 26.66
C ALA A 337 8.53 10.77 26.55
N GLY A 338 8.41 10.20 25.35
CA GLY A 338 7.52 9.08 25.14
C GLY A 338 6.05 9.44 25.19
N GLU A 339 5.74 10.71 24.94
CA GLU A 339 4.36 11.17 24.99
C GLU A 339 3.54 10.74 23.77
N ILE A 340 2.31 10.32 24.02
CA ILE A 340 1.42 9.90 22.96
C ILE A 340 1.22 11.01 21.92
N LEU A 341 1.11 12.26 22.37
CA LEU A 341 0.92 13.34 21.41
C LEU A 341 2.08 13.41 20.40
N GLY A 342 3.28 13.02 20.81
CA GLY A 342 4.37 12.99 19.86
C GLY A 342 4.12 12.03 18.70
N ALA A 343 3.66 10.82 19.00
CA ALA A 343 3.30 9.85 17.97
C ALA A 343 2.18 10.40 17.10
N MET A 344 1.19 11.01 17.72
CA MET A 344 0.06 11.58 16.96
C MET A 344 0.54 12.62 15.95
N LEU A 345 1.38 13.55 16.40
CA LEU A 345 1.80 14.65 15.53
C LEU A 345 2.75 14.17 14.45
N MET A 346 3.71 13.31 14.81
CA MET A 346 4.63 12.76 13.82
C MET A 346 3.89 11.99 12.72
N THR A 347 2.91 11.19 13.14
CA THR A 347 2.20 10.34 12.20
C THR A 347 1.34 11.19 11.26
N GLU A 348 0.64 12.17 11.80
CA GLU A 348 -0.17 13.05 10.97
C GLU A 348 0.68 13.77 9.94
N HIS A 349 1.80 14.34 10.40
CA HIS A 349 2.70 15.01 9.45
C HIS A 349 3.20 14.04 8.37
N ASN A 350 3.68 12.87 8.77
CA ASN A 350 4.27 11.98 7.77
C ASN A 350 3.26 11.50 6.76
N ILE A 351 2.04 11.16 7.20
CA ILE A 351 1.04 10.73 6.24
CA ILE A 351 1.00 10.74 6.28
C ILE A 351 0.61 11.91 5.35
N ALA A 352 0.52 13.10 5.92
CA ALA A 352 0.20 14.29 5.12
C ALA A 352 1.30 14.56 4.09
N PHE A 353 2.55 14.37 4.50
CA PHE A 353 3.67 14.54 3.57
C PHE A 353 3.54 13.57 2.40
N TYR A 354 3.26 12.31 2.72
CA TYR A 354 3.07 11.32 1.67
C TYR A 354 1.94 11.69 0.72
N GLN A 355 0.84 12.20 1.26
CA GLN A 355 -0.28 12.58 0.40
C GLN A 355 0.06 13.79 -0.47
N GLN A 356 0.83 14.74 0.08
CA GLN A 356 1.30 15.87 -0.72
C GLN A 356 2.25 15.42 -1.83
N LEU A 357 3.11 14.45 -1.54
CA LEU A 357 3.93 13.83 -2.59
C LEU A 357 3.06 13.25 -3.68
N MET A 358 2.03 12.47 -3.30
CA MET A 358 1.18 11.88 -4.31
C MET A 358 0.45 12.94 -5.15
N GLN A 359 0.02 14.01 -4.49
CA GLN A 359 -0.66 15.09 -5.20
C GLN A 359 0.28 15.76 -6.20
N LYS A 360 1.53 15.99 -5.80
CA LYS A 360 2.51 16.59 -6.70
C LYS A 360 2.79 15.67 -7.88
N ILE A 361 2.84 14.37 -7.61
CA ILE A 361 3.01 13.39 -8.67
C ILE A 361 1.83 13.45 -9.65
N ARG A 362 0.62 13.39 -9.12
CA ARG A 362 -0.58 13.44 -9.95
C ARG A 362 -0.63 14.71 -10.80
N ASP A 363 -0.39 15.86 -10.17
CA ASP A 363 -0.42 17.12 -10.92
C ASP A 363 0.64 17.18 -11.98
N SER A 364 1.84 16.73 -11.65
CA SER A 364 2.92 16.81 -12.62
C SER A 364 2.69 15.90 -13.82
N ILE A 365 2.17 14.69 -13.59
CA ILE A 365 1.83 13.82 -14.72
C ILE A 365 0.73 14.47 -15.58
N SER A 366 -0.32 14.94 -14.92
N SER A 366 -0.30 14.98 -14.92
CA SER A 366 -1.43 15.62 -15.59
CA SER A 366 -1.40 15.59 -15.67
C SER A 366 -0.90 16.72 -16.53
C SER A 366 -1.02 16.86 -16.43
N GLU A 367 0.09 17.46 -16.03
CA GLU A 367 0.62 18.63 -16.72
C GLU A 367 1.82 18.31 -17.60
N GLY A 368 2.18 17.03 -17.72
CA GLY A 368 3.26 16.63 -18.60
C GLY A 368 4.63 17.11 -18.17
N ARG A 369 4.84 17.25 -16.86
CA ARG A 369 6.11 17.70 -16.32
C ARG A 369 6.57 16.80 -15.17
N PHE A 370 6.17 15.54 -15.20
CA PHE A 370 6.55 14.60 -14.15
C PHE A 370 8.04 14.26 -14.16
N SER A 371 8.65 14.12 -15.34
CA SER A 371 10.08 13.83 -15.39
CA SER A 371 10.08 13.83 -15.39
C SER A 371 10.87 14.95 -14.71
N GLN A 372 10.48 16.19 -14.96
CA GLN A 372 11.12 17.32 -14.32
C GLN A 372 10.88 17.29 -12.81
N PHE A 373 9.64 16.98 -12.42
CA PHE A 373 9.35 16.87 -10.99
C PHE A 373 10.23 15.82 -10.32
N ALA A 374 10.37 14.66 -10.96
CA ALA A 374 11.17 13.58 -10.38
C ALA A 374 12.62 14.01 -10.19
N GLN A 375 13.17 14.70 -11.19
CA GLN A 375 14.53 15.21 -11.11
C GLN A 375 14.69 16.25 -10.01
N ASP A 376 13.76 17.21 -9.96
CA ASP A 376 13.79 18.25 -8.93
C ASP A 376 13.63 17.66 -7.53
N PHE A 377 12.70 16.72 -7.40
CA PHE A 377 12.48 16.05 -6.13
C PHE A 377 13.76 15.40 -5.62
N ARG A 378 14.40 14.62 -6.48
CA ARG A 378 15.62 13.91 -6.08
CA ARG A 378 15.62 13.92 -6.09
C ARG A 378 16.77 14.86 -5.74
N ALA A 379 16.92 15.91 -6.53
CA ALA A 379 18.03 16.85 -6.33
C ALA A 379 17.95 17.46 -4.94
N ARG A 380 16.74 17.77 -4.51
CA ARG A 380 16.56 18.42 -3.23
C ARG A 380 16.52 17.41 -2.07
N TYR A 381 15.84 16.30 -2.27
CA TYR A 381 15.67 15.29 -1.22
C TYR A 381 16.99 14.69 -0.81
N PHE A 382 17.90 14.55 -1.78
CA PHE A 382 19.21 13.95 -1.54
C PHE A 382 20.37 14.94 -1.52
N ALA A 383 20.06 16.24 -1.46
CA ALA A 383 21.09 17.27 -1.47
C ALA A 383 22.17 17.05 -0.40
N1 PRF B . 2.05 -10.58 -1.24
C2 PRF B . 1.08 -10.25 -0.36
N3 PRF B . 1.18 -9.20 0.48
C4 PRF B . 2.29 -8.46 0.42
C5 PRF B . 3.38 -8.74 -0.50
C6 PRF B . 3.21 -9.90 -1.38
O6 PRF B . 4.07 -10.24 -2.23
C7 PRF B . 4.38 -7.72 -0.24
C10 PRF B . 5.72 -7.60 -0.94
N11 PRF B . 6.41 -6.40 -0.53
C8 PRF B . 3.86 -6.92 0.77
N9 PRF B . 2.62 -7.37 1.14
N2 PRF B . -0.02 -11.03 -0.30
C1 GOL C . -13.86 9.10 5.65
O1 GOL C . -14.76 9.72 4.76
C2 GOL C . -14.45 9.18 7.05
O2 GOL C . -15.06 7.95 7.41
C3 GOL C . -13.36 9.55 8.04
O3 GOL C . -13.83 9.29 9.35
C1 GOL D . -8.32 -6.22 -19.83
O1 GOL D . -7.61 -5.77 -18.71
C2 GOL D . -9.81 -6.12 -19.56
O2 GOL D . -10.18 -4.76 -19.58
C3 GOL D . -10.60 -6.89 -20.60
O3 GOL D . -11.97 -6.82 -20.28
C1 GOL E . 8.86 20.41 -3.20
O1 GOL E . 8.41 21.75 -3.16
C2 GOL E . 9.20 20.06 -4.64
O2 GOL E . 8.03 19.83 -5.36
C3 GOL E . 10.10 18.82 -4.68
O3 GOL E . 11.38 19.14 -4.18
ZN ZN F . 3.61 18.80 8.13
C1 GOL G . 21.03 17.09 24.46
O1 GOL G . 21.84 16.62 25.52
C2 GOL G . 19.60 17.41 24.90
O2 GOL G . 19.56 18.62 25.62
C3 GOL G . 18.70 17.52 23.68
O3 GOL G . 17.36 17.76 24.07
#